data_9OVH
#
_entry.id   9OVH
#
_cell.length_a   39.588
_cell.length_b   87.470
_cell.length_c   85.492
_cell.angle_alpha   90.00
_cell.angle_beta   95.43
_cell.angle_gamma   90.00
#
_symmetry.space_group_name_H-M   'P 1 21 1'
#
loop_
_entity.id
_entity.type
_entity.pdbx_description
1 polymer '2-oxoglutarate-dependent ethylene/succinate-forming enzyme'
2 non-polymer 'MANGANESE (II) ION'
3 water water
#
_entity_poly.entity_id   1
_entity_poly.type   'polypeptide(L)'
_entity_poly.pdbx_seq_one_letter_code
;MTSMSELPVIDISPLVDAPGRAEVAAQIGQACREHGFFYVTGHGVDPELQDRLEALSREFFALPEEEKMKIRMARGGRAW
RGYFPVGGELTSGKPDWKEGLYFGTELPPDHPRVRAGTPLHGRNLFPEEVPEFRETVLEYMDAMTQLGHRLMRGIALSLG
LPADYFRERYTADPTVLFRIFHYPPPPDADDQWGVGEHTDYGLLTILKQDDCGGLQVKSKGGGWIDAPPIPGTFVCNIGD
MLDRMTGGLYRSTPHRVRNTSGRDRLSFPFFFDPNFDAEVQPLPALDRAPAEDDSAERWDGASVHAFEGTYGDYLLSKVS
KVFPELREEVLE
;
_entity_poly.pdbx_strand_id   A,B
#
# COMPACT_ATOMS: atom_id res chain seq x y z
N GLU A 6 4.38 37.42 -21.38
CA GLU A 6 5.35 37.22 -20.29
C GLU A 6 5.14 35.89 -19.56
N LEU A 7 6.25 35.18 -19.42
CA LEU A 7 6.23 33.85 -18.78
C LEU A 7 5.74 33.95 -17.33
N PRO A 8 4.88 33.04 -16.81
CA PRO A 8 4.39 33.16 -15.43
C PRO A 8 5.45 32.72 -14.42
N VAL A 9 5.91 33.67 -13.61
CA VAL A 9 6.84 33.41 -12.50
C VAL A 9 6.11 33.78 -11.21
N ILE A 10 5.80 32.78 -10.39
CA ILE A 10 4.91 32.95 -9.25
C ILE A 10 5.74 32.86 -7.97
N ASP A 11 5.62 33.89 -7.13
CA ASP A 11 6.23 33.87 -5.82
C ASP A 11 5.33 33.05 -4.92
N ILE A 12 5.79 31.87 -4.51
CA ILE A 12 4.96 30.98 -3.72
C ILE A 12 5.33 31.00 -2.24
N SER A 13 6.12 31.99 -1.80
CA SER A 13 6.42 32.22 -0.38
C SER A 13 5.24 31.99 0.58
N PRO A 14 4.03 32.48 0.28
CA PRO A 14 2.91 32.23 1.21
C PRO A 14 2.62 30.77 1.46
N LEU A 15 2.91 29.90 0.51
CA LEU A 15 2.69 28.47 0.69
C LEU A 15 3.87 27.80 1.37
N VAL A 16 4.93 28.56 1.67
CA VAL A 16 6.19 28.03 2.14
C VAL A 16 6.48 28.58 3.53
N ASP A 17 6.76 29.88 3.62
CA ASP A 17 7.17 30.41 4.92
C ASP A 17 6.67 31.83 5.19
N ALA A 18 5.73 32.35 4.40
CA ALA A 18 5.38 33.76 4.43
C ALA A 18 3.91 33.98 4.74
N PRO A 19 3.48 35.21 5.03
CA PRO A 19 2.06 35.47 5.23
C PRO A 19 1.25 35.22 3.96
N GLY A 20 -0.04 34.94 4.15
CA GLY A 20 -0.90 34.62 3.04
C GLY A 20 -1.10 35.80 2.10
N ARG A 21 -1.31 35.46 0.82
CA ARG A 21 -1.61 36.47 -0.24
C ARG A 21 -2.61 35.80 -1.17
N ALA A 22 -3.82 36.36 -1.31
CA ALA A 22 -4.87 35.73 -2.11
C ALA A 22 -4.43 35.48 -3.55
N GLU A 23 -3.53 36.32 -4.07
CA GLU A 23 -3.19 36.26 -5.47
C GLU A 23 -2.40 35.01 -5.86
N VAL A 24 -1.78 34.32 -4.91
CA VAL A 24 -0.90 33.22 -5.28
C VAL A 24 -1.71 32.10 -5.96
N ALA A 25 -2.79 31.66 -5.31
CA ALA A 25 -3.60 30.59 -5.89
C ALA A 25 -4.23 31.01 -7.21
N ALA A 26 -4.63 32.28 -7.33
CA ALA A 26 -5.20 32.78 -8.57
C ALA A 26 -4.16 32.76 -9.69
N GLN A 27 -2.93 33.15 -9.37
CA GLN A 27 -1.88 33.15 -10.37
C GLN A 27 -1.54 31.74 -10.82
N ILE A 28 -1.53 30.78 -9.89
CA ILE A 28 -1.29 29.39 -10.27
C ILE A 28 -2.38 28.93 -11.23
N GLY A 29 -3.63 29.28 -10.93
CA GLY A 29 -4.74 28.93 -11.81
C GLY A 29 -4.59 29.51 -13.20
N GLN A 30 -4.32 30.83 -13.28
CA GLN A 30 -4.05 31.48 -14.56
C GLN A 30 -2.96 30.75 -15.34
N ALA A 31 -1.87 30.41 -14.66
CA ALA A 31 -0.74 29.77 -15.34
C ALA A 31 -1.11 28.40 -15.87
N CYS A 32 -1.86 27.60 -15.09
CA CYS A 32 -2.24 26.28 -15.56
C CYS A 32 -3.21 26.36 -16.73
N ARG A 33 -4.14 27.33 -16.68
CA ARG A 33 -5.15 27.47 -17.73
C ARG A 33 -4.57 28.08 -18.99
N GLU A 34 -3.78 29.15 -18.84
CA GLU A 34 -3.30 29.88 -20.01
C GLU A 34 -2.06 29.22 -20.61
N HIS A 35 -1.08 28.84 -19.77
CA HIS A 35 0.22 28.40 -20.25
C HIS A 35 0.46 26.89 -20.11
N GLY A 36 -0.10 26.25 -19.10
CA GLY A 36 0.20 24.87 -18.78
C GLY A 36 1.43 24.64 -17.93
N PHE A 37 2.24 25.66 -17.66
CA PHE A 37 3.44 25.55 -16.84
C PHE A 37 3.62 26.86 -16.09
N PHE A 38 4.49 26.84 -15.07
CA PHE A 38 4.84 28.06 -14.37
C PHE A 38 6.16 27.89 -13.63
N TYR A 39 6.89 29.00 -13.54
CA TYR A 39 8.04 29.10 -12.66
C TYR A 39 7.56 29.47 -11.25
N VAL A 40 8.32 29.01 -10.26
CA VAL A 40 8.07 29.35 -8.86
C VAL A 40 9.36 29.91 -8.28
N THR A 41 9.23 30.98 -7.51
CA THR A 41 10.27 31.52 -6.66
C THR A 41 9.74 31.53 -5.23
N GLY A 42 10.63 31.81 -4.28
CA GLY A 42 10.25 31.72 -2.87
C GLY A 42 9.89 30.32 -2.44
N HIS A 43 10.45 29.32 -3.12
CA HIS A 43 10.15 27.92 -2.84
C HIS A 43 10.81 27.42 -1.54
N GLY A 44 11.83 28.13 -1.05
CA GLY A 44 12.45 27.76 0.21
C GLY A 44 13.51 26.67 0.12
N VAL A 45 13.83 26.17 -1.06
CA VAL A 45 14.87 25.14 -1.21
C VAL A 45 16.22 25.85 -1.14
N ASP A 46 17.06 25.40 -0.23
CA ASP A 46 18.32 26.07 0.05
C ASP A 46 19.17 26.18 -1.21
N PRO A 47 19.69 27.37 -1.54
CA PRO A 47 20.54 27.47 -2.73
C PRO A 47 21.86 26.72 -2.63
N GLU A 48 22.49 26.68 -1.44
CA GLU A 48 23.73 25.92 -1.31
C GLU A 48 23.50 24.44 -1.52
N LEU A 49 22.39 23.92 -1.00
CA LEU A 49 22.04 22.53 -1.30
C LEU A 49 21.92 22.31 -2.81
N GLN A 50 21.28 23.26 -3.52
CA GLN A 50 21.17 23.12 -4.98
C GLN A 50 22.54 23.18 -5.64
N ASP A 51 23.41 24.08 -5.16
CA ASP A 51 24.74 24.21 -5.75
C ASP A 51 25.58 22.98 -5.47
N ARG A 52 25.42 22.39 -4.29
CA ARG A 52 26.16 21.17 -3.98
C ARG A 52 25.65 19.98 -4.79
N LEU A 53 24.36 19.92 -5.07
CA LEU A 53 23.81 18.85 -5.91
C LEU A 53 24.35 18.94 -7.33
N GLU A 54 24.50 20.15 -7.87
CA GLU A 54 25.02 20.30 -9.22
C GLU A 54 26.51 19.97 -9.27
N ALA A 55 27.25 20.38 -8.23
CA ALA A 55 28.70 20.18 -8.21
C ALA A 55 29.03 18.70 -8.07
N LEU A 56 28.34 18.01 -7.18
CA LEU A 56 28.58 16.58 -7.04
C LEU A 56 28.08 15.81 -8.25
N SER A 57 27.07 16.32 -8.96
CA SER A 57 26.61 15.68 -10.20
C SER A 57 27.68 15.79 -11.28
N ARG A 58 28.22 16.99 -11.49
CA ARG A 58 29.29 17.13 -12.49
C ARG A 58 30.47 16.23 -12.16
N GLU A 59 30.78 16.09 -10.87
CA GLU A 59 31.87 15.22 -10.47
C GLU A 59 31.57 13.77 -10.86
N PHE A 60 30.32 13.33 -10.64
CA PHE A 60 30.00 11.96 -10.98
C PHE A 60 30.10 11.72 -12.48
N PHE A 61 29.48 12.59 -13.30
CA PHE A 61 29.45 12.31 -14.73
C PHE A 61 30.84 12.44 -15.36
N ALA A 62 31.80 13.09 -14.69
CA ALA A 62 33.16 13.18 -15.17
C ALA A 62 34.01 11.97 -14.80
N LEU A 63 33.48 11.04 -14.00
CA LEU A 63 34.21 9.83 -13.68
C LEU A 63 34.41 9.01 -14.96
N PRO A 64 35.36 8.07 -14.96
CA PRO A 64 35.46 7.10 -16.06
C PRO A 64 34.19 6.27 -16.17
N GLU A 65 33.88 5.86 -17.42
CA GLU A 65 32.67 5.08 -17.68
C GLU A 65 32.64 3.82 -16.83
N GLU A 66 33.77 3.12 -16.72
CA GLU A 66 33.80 1.89 -15.97
C GLU A 66 33.45 2.13 -14.50
N GLU A 67 33.79 3.30 -13.97
CA GLU A 67 33.40 3.58 -12.58
C GLU A 67 31.93 3.93 -12.49
N LYS A 68 31.44 4.73 -13.44
CA LYS A 68 30.02 5.10 -13.42
C LYS A 68 29.15 3.86 -13.54
N MET A 69 29.59 2.87 -14.32
CA MET A 69 28.80 1.67 -14.54
C MET A 69 28.77 0.76 -13.33
N LYS A 70 29.53 1.05 -12.27
CA LYS A 70 29.40 0.27 -11.06
C LYS A 70 28.00 0.42 -10.44
N ILE A 71 27.31 1.55 -10.69
CA ILE A 71 25.95 1.76 -10.21
C ILE A 71 24.98 1.81 -11.38
N ARG A 72 25.25 1.01 -12.42
CA ARG A 72 24.33 0.91 -13.56
C ARG A 72 22.99 0.35 -13.10
N MET A 73 21.95 0.72 -13.86
CA MET A 73 20.58 0.45 -13.45
C MET A 73 20.27 -1.02 -13.26
N ALA A 74 20.96 -1.91 -13.97
CA ALA A 74 20.72 -3.36 -13.82
C ALA A 74 20.98 -3.80 -12.37
N ARG A 75 21.84 -3.08 -11.65
CA ARG A 75 22.15 -3.40 -10.23
C ARG A 75 21.07 -2.83 -9.30
N GLY A 76 20.19 -1.97 -9.81
CA GLY A 76 19.10 -1.40 -9.00
C GLY A 76 17.92 -2.34 -8.88
N GLY A 77 17.82 -3.28 -9.82
CA GLY A 77 16.73 -4.25 -9.77
C GLY A 77 15.36 -3.65 -10.08
N ARG A 78 14.34 -4.26 -9.48
CA ARG A 78 12.96 -3.81 -9.66
C ARG A 78 12.75 -2.41 -9.11
N ALA A 79 13.67 -1.91 -8.28
CA ALA A 79 13.53 -0.57 -7.72
C ALA A 79 13.65 0.50 -8.78
N TRP A 80 14.29 0.21 -9.92
CA TRP A 80 14.40 1.16 -11.03
C TRP A 80 15.29 2.34 -10.65
N ARG A 81 16.56 2.06 -10.38
CA ARG A 81 17.50 3.03 -9.83
C ARG A 81 18.86 2.82 -10.48
N GLY A 82 19.60 3.91 -10.69
CA GLY A 82 20.99 3.79 -11.03
C GLY A 82 21.33 4.59 -12.28
N TYR A 83 22.47 4.24 -12.86
CA TYR A 83 23.08 4.98 -13.95
C TYR A 83 22.74 4.35 -15.29
N PHE A 84 22.57 5.19 -16.31
CA PHE A 84 22.47 4.74 -17.70
C PHE A 84 23.43 5.58 -18.54
N PRO A 85 24.23 4.97 -19.42
CA PRO A 85 25.15 5.76 -20.23
C PRO A 85 24.48 6.20 -21.52
N VAL A 86 25.26 6.82 -22.41
CA VAL A 86 24.75 7.17 -23.73
C VAL A 86 24.16 5.93 -24.38
N GLY A 87 23.00 6.11 -25.01
CA GLY A 87 22.27 5.00 -25.57
C GLY A 87 21.44 4.21 -24.58
N GLY A 88 21.53 4.54 -23.28
CA GLY A 88 20.87 3.73 -22.28
C GLY A 88 19.38 3.93 -22.19
N GLU A 89 18.91 5.13 -22.53
CA GLU A 89 17.49 5.42 -22.61
C GLU A 89 17.01 5.34 -24.05
N LEU A 90 15.83 4.76 -24.25
CA LEU A 90 15.18 4.67 -25.55
C LEU A 90 14.08 5.72 -25.62
N THR A 91 14.28 6.76 -26.45
CA THR A 91 13.25 7.75 -26.71
C THR A 91 13.12 8.01 -28.21
N SER A 92 11.88 8.22 -28.67
CA SER A 92 11.61 8.42 -30.11
C SER A 92 12.17 7.27 -30.96
N GLY A 93 12.13 6.06 -30.43
CA GLY A 93 12.52 4.89 -31.18
C GLY A 93 13.98 4.68 -31.48
N LYS A 94 14.89 5.49 -30.94
CA LYS A 94 16.30 5.16 -31.08
C LYS A 94 16.97 5.39 -29.73
N PRO A 95 18.04 4.65 -29.42
CA PRO A 95 18.80 4.95 -28.20
C PRO A 95 19.22 6.41 -28.17
N ASP A 96 19.14 7.00 -26.98
CA ASP A 96 19.29 8.45 -26.83
C ASP A 96 20.74 8.79 -26.49
N TRP A 97 21.23 9.89 -27.08
CA TRP A 97 22.53 10.47 -26.77
C TRP A 97 22.38 11.26 -25.47
N LYS A 98 22.47 10.54 -24.36
CA LYS A 98 22.05 11.05 -23.08
C LYS A 98 22.48 10.06 -22.03
N GLU A 99 23.01 10.55 -20.92
CA GLU A 99 23.26 9.70 -19.76
C GLU A 99 22.55 10.28 -18.55
N GLY A 100 22.37 9.48 -17.52
CA GLY A 100 21.70 10.02 -16.36
C GLY A 100 21.63 9.06 -15.20
N LEU A 101 20.90 9.50 -14.18
CA LEU A 101 20.77 8.81 -12.91
C LEU A 101 19.29 8.74 -12.55
N TYR A 102 18.87 7.58 -12.06
CA TYR A 102 17.51 7.34 -11.60
C TYR A 102 17.48 7.18 -10.09
N PHE A 103 16.68 8.02 -9.40
CA PHE A 103 16.50 7.93 -7.97
C PHE A 103 15.02 7.87 -7.61
N GLY A 104 14.76 7.34 -6.42
CA GLY A 104 13.41 7.32 -5.87
C GLY A 104 13.48 7.38 -4.36
N THR A 105 12.35 7.18 -3.69
CA THR A 105 12.36 7.19 -2.23
C THR A 105 13.32 6.12 -1.72
N GLU A 106 14.12 6.49 -0.72
CA GLU A 106 15.07 5.58 -0.09
C GLU A 106 14.30 4.69 0.89
N LEU A 107 14.02 3.46 0.49
CA LEU A 107 13.28 2.55 1.36
C LEU A 107 14.19 1.42 1.83
N PRO A 108 14.20 1.12 3.13
CA PRO A 108 15.00 -0.01 3.64
C PRO A 108 14.40 -1.33 3.19
N PRO A 109 15.17 -2.43 3.22
CA PRO A 109 14.62 -3.71 2.73
C PRO A 109 13.52 -4.28 3.62
N ASP A 110 13.41 -3.83 4.86
CA ASP A 110 12.34 -4.30 5.72
C ASP A 110 11.07 -3.48 5.56
N HIS A 111 11.07 -2.51 4.65
CA HIS A 111 9.87 -1.75 4.37
C HIS A 111 8.85 -2.64 3.65
N PRO A 112 7.57 -2.58 4.05
CA PRO A 112 6.57 -3.51 3.48
C PRO A 112 6.55 -3.56 1.95
N ARG A 113 6.66 -2.40 1.29
CA ARG A 113 6.68 -2.36 -0.17
C ARG A 113 7.85 -3.16 -0.74
N VAL A 114 9.00 -3.13 -0.07
CA VAL A 114 10.13 -3.93 -0.55
C VAL A 114 9.90 -5.40 -0.25
N ARG A 115 9.39 -5.71 0.95
CA ARG A 115 9.09 -7.11 1.27
C ARG A 115 8.03 -7.69 0.36
N ALA A 116 7.13 -6.85 -0.16
CA ALA A 116 6.14 -7.31 -1.13
C ALA A 116 6.70 -7.42 -2.54
N GLY A 117 7.94 -6.96 -2.75
CA GLY A 117 8.51 -6.97 -4.09
C GLY A 117 7.81 -6.07 -5.07
N THR A 118 7.20 -4.98 -4.61
CA THR A 118 6.52 -4.06 -5.50
C THR A 118 7.55 -3.38 -6.40
N PRO A 119 7.35 -3.38 -7.72
CA PRO A 119 8.29 -2.68 -8.60
C PRO A 119 8.39 -1.21 -8.22
N LEU A 120 9.56 -0.64 -8.48
CA LEU A 120 9.83 0.79 -8.30
C LEU A 120 9.96 1.19 -6.84
N HIS A 121 10.17 0.22 -5.95
CA HIS A 121 10.38 0.46 -4.53
C HIS A 121 11.67 -0.19 -4.07
N GLY A 122 12.39 0.50 -3.20
CA GLY A 122 13.66 0.00 -2.71
C GLY A 122 14.68 1.09 -2.51
N ARG A 123 15.96 0.71 -2.60
CA ARG A 123 17.10 1.55 -2.25
C ARG A 123 17.69 2.21 -3.49
N ASN A 124 18.27 3.39 -3.29
CA ASN A 124 19.01 4.04 -4.35
C ASN A 124 20.45 3.51 -4.43
N LEU A 125 21.06 3.71 -5.58
CA LEU A 125 22.46 3.36 -5.80
C LEU A 125 23.29 4.62 -5.79
N PHE A 126 24.43 4.60 -5.10
CA PHE A 126 25.30 5.76 -5.06
C PHE A 126 26.75 5.34 -5.26
N PRO A 127 27.55 6.20 -5.89
CA PRO A 127 28.93 5.82 -6.25
C PRO A 127 29.89 5.91 -5.08
N GLU A 128 30.74 4.89 -4.96
CA GLU A 128 31.83 4.94 -4.00
C GLU A 128 32.73 6.16 -4.19
N GLU A 129 32.84 6.65 -5.41
CA GLU A 129 33.81 7.71 -5.72
C GLU A 129 33.32 9.10 -5.32
N VAL A 130 32.02 9.28 -5.07
CA VAL A 130 31.51 10.58 -4.65
C VAL A 130 30.78 10.35 -3.33
N PRO A 131 31.51 10.16 -2.23
CA PRO A 131 30.88 9.70 -0.98
C PRO A 131 29.81 10.61 -0.42
N GLU A 132 29.89 11.93 -0.66
CA GLU A 132 28.90 12.86 -0.12
C GLU A 132 27.69 13.05 -1.03
N PHE A 133 27.64 12.33 -2.15
CA PHE A 133 26.52 12.46 -3.08
C PHE A 133 25.23 11.94 -2.45
N ARG A 134 25.33 10.84 -1.69
CA ARG A 134 24.14 10.20 -1.12
C ARG A 134 23.38 11.17 -0.22
N GLU A 135 24.10 11.85 0.66
CA GLU A 135 23.44 12.78 1.59
C GLU A 135 22.83 13.95 0.84
N THR A 136 23.56 14.52 -0.11
CA THR A 136 23.04 15.64 -0.88
C THR A 136 21.77 15.27 -1.63
N VAL A 137 21.80 14.14 -2.33
CA VAL A 137 20.63 13.73 -3.11
C VAL A 137 19.42 13.54 -2.21
N LEU A 138 19.59 12.81 -1.10
CA LEU A 138 18.43 12.52 -0.28
C LEU A 138 17.89 13.75 0.42
N GLU A 139 18.78 14.69 0.79
CA GLU A 139 18.30 15.94 1.37
C GLU A 139 17.54 16.74 0.32
N TYR A 140 18.02 16.77 -0.92
CA TYR A 140 17.30 17.46 -1.98
C TYR A 140 15.94 16.83 -2.20
N MET A 141 15.89 15.50 -2.24
CA MET A 141 14.60 14.85 -2.45
C MET A 141 13.63 15.18 -1.32
N ASP A 142 14.12 15.25 -0.08
CA ASP A 142 13.26 15.61 1.05
C ASP A 142 12.75 17.03 0.90
N ALA A 143 13.63 17.96 0.55
CA ALA A 143 13.20 19.34 0.34
C ALA A 143 12.17 19.44 -0.78
N MET A 144 12.38 18.66 -1.86
CA MET A 144 11.48 18.73 -2.99
C MET A 144 10.17 18.03 -2.70
N THR A 145 10.20 16.94 -1.94
CA THR A 145 8.96 16.29 -1.49
C THR A 145 8.11 17.25 -0.68
N GLN A 146 8.73 18.01 0.23
CA GLN A 146 7.98 19.01 1.00
C GLN A 146 7.45 20.12 0.11
N LEU A 147 8.26 20.59 -0.85
CA LEU A 147 7.79 21.57 -1.82
C LEU A 147 6.61 21.04 -2.63
N GLY A 148 6.68 19.78 -3.05
CA GLY A 148 5.58 19.20 -3.81
C GLY A 148 4.25 19.29 -3.07
N HIS A 149 4.24 18.85 -1.80
CA HIS A 149 3.02 18.88 -1.00
C HIS A 149 2.45 20.30 -0.92
N ARG A 150 3.33 21.28 -0.79
CA ARG A 150 2.88 22.68 -0.68
C ARG A 150 2.32 23.18 -2.00
N LEU A 151 2.95 22.78 -3.10
CA LEU A 151 2.48 23.21 -4.41
C LEU A 151 1.14 22.57 -4.75
N MET A 152 0.90 21.33 -4.34
CA MET A 152 -0.39 20.68 -4.57
C MET A 152 -1.50 21.41 -3.84
N ARG A 153 -1.20 21.99 -2.68
CA ARG A 153 -2.17 22.82 -1.98
C ARG A 153 -2.53 24.04 -2.81
N GLY A 154 -1.51 24.73 -3.33
CA GLY A 154 -1.77 25.83 -4.25
C GLY A 154 -2.55 25.39 -5.47
N ILE A 155 -2.25 24.21 -6.00
CA ILE A 155 -3.00 23.72 -7.16
C ILE A 155 -4.45 23.44 -6.78
N ALA A 156 -4.66 22.86 -5.59
CA ALA A 156 -6.00 22.60 -5.08
C ALA A 156 -6.78 23.91 -4.93
N LEU A 157 -6.17 24.89 -4.28
CA LEU A 157 -6.79 26.19 -4.14
C LEU A 157 -7.14 26.80 -5.48
N SER A 158 -6.27 26.63 -6.49
CA SER A 158 -6.49 27.30 -7.76
C SER A 158 -7.70 26.74 -8.50
N LEU A 159 -8.15 25.54 -8.14
CA LEU A 159 -9.34 24.92 -8.72
C LEU A 159 -10.59 25.18 -7.89
N GLY A 160 -10.50 26.01 -6.84
CA GLY A 160 -11.61 26.20 -5.93
C GLY A 160 -11.88 25.03 -5.00
N LEU A 161 -10.88 24.20 -4.74
CA LEU A 161 -10.96 23.03 -3.89
C LEU A 161 -10.42 23.33 -2.50
N PRO A 162 -10.73 22.50 -1.50
CA PRO A 162 -10.03 22.61 -0.21
C PRO A 162 -8.55 22.30 -0.40
N ALA A 163 -7.72 23.02 0.36
CA ALA A 163 -6.27 22.96 0.15
C ALA A 163 -5.70 21.55 0.30
N ASP A 164 -6.31 20.68 1.11
CA ASP A 164 -5.77 19.35 1.31
CA ASP A 164 -5.80 19.35 1.33
C ASP A 164 -6.49 18.30 0.46
N TYR A 165 -7.14 18.73 -0.64
CA TYR A 165 -7.86 17.80 -1.50
C TYR A 165 -6.97 16.65 -1.98
N PHE A 166 -5.75 16.98 -2.43
CA PHE A 166 -4.83 15.95 -2.91
C PHE A 166 -4.30 15.10 -1.75
N ARG A 167 -3.79 15.76 -0.69
CA ARG A 167 -3.23 15.04 0.45
C ARG A 167 -4.19 14.00 1.02
N GLU A 168 -5.49 14.27 0.98
CA GLU A 168 -6.45 13.37 1.60
C GLU A 168 -6.82 12.20 0.70
N ARG A 169 -6.45 12.24 -0.57
CA ARG A 169 -6.92 11.21 -1.49
C ARG A 169 -5.78 10.50 -2.20
N TYR A 170 -4.84 11.24 -2.79
CA TYR A 170 -3.88 10.66 -3.72
C TYR A 170 -2.43 10.81 -3.33
N THR A 171 -2.07 11.78 -2.47
CA THR A 171 -0.66 12.11 -2.26
C THR A 171 -0.25 12.06 -0.78
N ALA A 172 -1.04 11.42 0.09
CA ALA A 172 -0.58 11.19 1.46
C ALA A 172 0.76 10.47 1.48
N ASP A 173 0.91 9.42 0.68
CA ASP A 173 2.14 8.64 0.58
C ASP A 173 2.59 8.65 -0.88
N PRO A 174 3.16 9.76 -1.34
CA PRO A 174 3.29 9.98 -2.79
C PRO A 174 4.43 9.20 -3.44
N THR A 175 4.25 8.93 -4.73
CA THR A 175 5.34 8.39 -5.55
C THR A 175 6.26 9.54 -5.95
N VAL A 176 7.50 9.52 -5.45
CA VAL A 176 8.49 10.54 -5.78
C VAL A 176 9.59 9.90 -6.62
N LEU A 177 9.84 10.50 -7.78
CA LEU A 177 10.85 10.06 -8.72
C LEU A 177 11.77 11.23 -8.97
N PHE A 178 13.07 10.97 -9.02
CA PHE A 178 14.03 12.04 -9.19
C PHE A 178 15.09 11.53 -10.16
N ARG A 179 15.40 12.33 -11.16
CA ARG A 179 16.38 11.94 -12.17
C ARG A 179 17.36 13.09 -12.35
N ILE A 180 18.58 12.73 -12.70
CA ILE A 180 19.61 13.70 -13.07
C ILE A 180 20.06 13.33 -14.46
N PHE A 181 19.88 14.24 -15.41
CA PHE A 181 20.16 14.00 -16.80
C PHE A 181 21.36 14.83 -17.24
N HIS A 182 22.28 14.18 -17.97
CA HIS A 182 23.44 14.84 -18.52
C HIS A 182 23.42 14.69 -20.05
N TYR A 183 23.34 15.82 -20.75
CA TYR A 183 23.36 15.84 -22.21
C TYR A 183 24.71 16.30 -22.69
N PRO A 184 25.56 15.43 -23.22
CA PRO A 184 26.84 15.87 -23.76
C PRO A 184 26.63 16.66 -25.04
N PRO A 185 27.61 17.42 -25.50
CA PRO A 185 27.51 18.06 -26.81
C PRO A 185 27.35 17.00 -27.89
N PRO A 186 26.51 17.24 -28.94
CA PRO A 186 26.29 16.28 -30.01
C PRO A 186 27.57 15.70 -30.62
N PRO A 187 27.55 14.41 -30.98
CA PRO A 187 28.73 13.76 -31.56
C PRO A 187 29.01 14.31 -32.97
N ASP A 188 27.94 14.71 -33.67
CA ASP A 188 28.07 15.29 -35.03
C ASP A 188 27.42 16.66 -35.05
N ALA A 189 26.97 17.09 -36.22
CA ALA A 189 26.30 18.40 -36.36
C ALA A 189 24.89 18.18 -36.92
N ASP A 190 23.95 17.81 -36.07
CA ASP A 190 22.54 17.72 -36.53
C ASP A 190 21.74 18.79 -35.79
N GLU A 197 8.83 15.62 -28.33
CA GLU A 197 7.58 16.01 -27.67
C GLU A 197 7.09 14.91 -26.74
N HIS A 198 6.66 15.27 -25.53
CA HIS A 198 6.17 14.29 -24.56
C HIS A 198 5.47 15.00 -23.40
N THR A 199 4.82 14.19 -22.56
CA THR A 199 4.17 14.64 -21.34
C THR A 199 4.60 13.78 -20.15
N ASP A 200 4.71 14.41 -18.99
CA ASP A 200 5.03 13.68 -17.76
C ASP A 200 3.77 13.03 -17.19
N TYR A 201 3.96 11.93 -16.46
CA TYR A 201 2.84 11.01 -16.25
C TYR A 201 2.12 11.17 -14.94
N GLY A 202 2.65 11.94 -14.00
CA GLY A 202 2.04 12.06 -12.69
C GLY A 202 1.20 13.30 -12.52
N LEU A 203 1.36 13.94 -11.35
CA LEU A 203 0.69 15.19 -11.04
C LEU A 203 1.52 16.39 -11.48
N LEU A 204 2.72 16.51 -10.94
CA LEU A 204 3.48 17.75 -10.99
C LEU A 204 4.95 17.42 -11.25
N THR A 205 5.57 18.13 -12.21
CA THR A 205 7.00 18.06 -12.44
C THR A 205 7.61 19.35 -11.93
N ILE A 206 8.57 19.24 -11.02
CA ILE A 206 9.35 20.37 -10.51
C ILE A 206 10.76 20.25 -11.03
N LEU A 207 11.14 21.11 -11.96
CA LEU A 207 12.38 20.92 -12.70
C LEU A 207 13.37 22.01 -12.34
N LYS A 208 14.58 21.59 -11.95
CA LYS A 208 15.72 22.48 -11.80
C LYS A 208 16.54 22.41 -13.08
N GLN A 209 16.81 23.57 -13.65
CA GLN A 209 17.60 23.70 -14.88
C GLN A 209 18.97 24.28 -14.57
N ASP A 210 19.96 23.89 -15.36
CA ASP A 210 21.23 24.61 -15.28
C ASP A 210 21.16 25.87 -16.15
N ASP A 211 22.11 26.78 -15.97
CA ASP A 211 22.06 28.12 -16.61
C ASP A 211 22.06 28.10 -18.13
N CYS A 212 22.90 27.26 -18.71
CA CYS A 212 22.92 27.11 -20.18
C CYS A 212 21.99 25.94 -20.50
N GLY A 213 20.72 26.09 -20.11
CA GLY A 213 19.74 25.03 -20.34
C GLY A 213 18.95 25.37 -21.57
N GLY A 214 18.45 24.36 -22.28
CA GLY A 214 17.59 24.64 -23.41
C GLY A 214 16.32 23.81 -23.46
N LEU A 215 15.31 24.22 -22.69
CA LEU A 215 14.03 23.54 -22.58
C LEU A 215 12.96 24.30 -23.37
N GLN A 216 11.98 23.55 -23.89
CA GLN A 216 10.91 24.13 -24.71
C GLN A 216 9.58 23.47 -24.35
N VAL A 217 8.52 24.26 -24.48
CA VAL A 217 7.17 23.78 -24.11
C VAL A 217 6.26 24.23 -25.25
N LYS A 218 5.19 23.50 -25.49
CA LYS A 218 4.23 23.91 -26.54
C LYS A 218 3.39 25.09 -26.01
N SER A 219 2.39 25.55 -26.75
CA SER A 219 1.62 26.73 -26.32
C SER A 219 0.13 26.53 -26.63
N GLY A 222 -0.72 27.71 -29.60
CA GLY A 222 0.03 26.78 -30.46
C GLY A 222 1.35 27.42 -30.90
N GLY A 223 2.48 26.78 -30.59
CA GLY A 223 3.82 27.29 -30.94
C GLY A 223 4.83 26.72 -29.95
N TRP A 224 6.01 26.31 -30.41
CA TRP A 224 7.04 25.86 -29.45
C TRP A 224 7.78 27.09 -28.91
N ILE A 225 7.75 27.29 -27.59
CA ILE A 225 8.39 28.43 -26.94
C ILE A 225 9.54 27.95 -26.07
N ASP A 226 10.51 28.83 -25.92
CA ASP A 226 11.64 28.54 -25.04
C ASP A 226 11.22 28.85 -23.61
N ALA A 227 11.49 27.91 -22.72
CA ALA A 227 11.35 28.11 -21.29
C ALA A 227 12.77 28.26 -20.74
N PRO A 228 13.35 29.45 -20.88
CA PRO A 228 14.76 29.65 -20.50
C PRO A 228 14.96 29.49 -19.00
N PRO A 229 16.20 29.24 -18.56
CA PRO A 229 16.49 29.23 -17.12
C PRO A 229 16.35 30.63 -16.52
N ILE A 230 15.64 30.72 -15.40
CA ILE A 230 15.49 31.95 -14.65
C ILE A 230 16.10 31.72 -13.27
N PRO A 231 17.03 32.56 -12.82
CA PRO A 231 17.68 32.34 -11.51
C PRO A 231 16.69 32.27 -10.36
N GLY A 232 16.94 31.34 -9.43
CA GLY A 232 16.11 31.15 -8.26
C GLY A 232 14.77 30.48 -8.51
N THR A 233 14.59 29.83 -9.66
CA THR A 233 13.29 29.25 -9.95
C THR A 233 13.38 27.75 -10.15
N PHE A 234 12.23 27.11 -10.02
CA PHE A 234 11.95 25.81 -10.60
C PHE A 234 10.85 25.99 -11.64
N VAL A 235 10.94 25.23 -12.74
CA VAL A 235 9.89 25.18 -13.75
C VAL A 235 8.97 24.01 -13.41
N CYS A 236 7.68 24.31 -13.29
CA CYS A 236 6.67 23.32 -12.91
C CYS A 236 5.74 23.07 -14.09
N ASN A 237 5.39 21.81 -14.31
CA ASN A 237 4.36 21.59 -15.30
C ASN A 237 3.42 20.49 -14.86
N ILE A 238 2.31 20.39 -15.58
CA ILE A 238 1.19 19.54 -15.25
C ILE A 238 1.43 18.17 -15.84
N GLY A 239 1.06 17.12 -15.11
CA GLY A 239 1.23 15.76 -15.58
C GLY A 239 -0.08 15.17 -16.09
N ASP A 240 0.03 13.96 -16.66
CA ASP A 240 -1.14 13.32 -17.25
C ASP A 240 -2.23 13.07 -16.22
N MET A 241 -1.85 12.78 -14.97
CA MET A 241 -2.85 12.50 -13.94
C MET A 241 -3.58 13.76 -13.48
N LEU A 242 -2.92 14.92 -13.54
CA LEU A 242 -3.61 16.15 -13.20
C LEU A 242 -4.54 16.56 -14.33
N ASP A 243 -4.12 16.31 -15.57
CA ASP A 243 -4.99 16.43 -16.74
C ASP A 243 -6.25 15.59 -16.56
N ARG A 244 -6.07 14.31 -16.19
CA ARG A 244 -7.20 13.42 -16.01
C ARG A 244 -8.12 13.92 -14.90
N MET A 245 -7.54 14.36 -13.78
CA MET A 245 -8.37 14.73 -12.63
C MET A 245 -9.23 15.95 -12.93
N THR A 246 -8.72 16.89 -13.74
CA THR A 246 -9.44 18.10 -14.07
C THR A 246 -10.25 17.98 -15.36
N GLY A 247 -10.40 16.77 -15.89
CA GLY A 247 -11.09 16.55 -17.16
C GLY A 247 -10.53 17.36 -18.31
N GLY A 248 -9.22 17.59 -18.31
CA GLY A 248 -8.59 18.34 -19.38
C GLY A 248 -8.48 19.83 -19.16
N LEU A 249 -9.03 20.36 -18.07
CA LEU A 249 -8.89 21.80 -17.79
C LEU A 249 -7.43 22.18 -17.58
N TYR A 250 -6.70 21.44 -16.74
CA TYR A 250 -5.26 21.64 -16.59
C TYR A 250 -4.58 20.63 -17.53
N ARG A 251 -4.06 21.13 -18.64
CA ARG A 251 -3.55 20.22 -19.70
C ARG A 251 -2.11 19.83 -19.40
N SER A 252 -1.86 18.52 -19.42
CA SER A 252 -0.49 17.99 -19.33
C SER A 252 0.40 18.66 -20.36
N THR A 253 1.58 19.10 -19.90
CA THR A 253 2.41 20.06 -20.63
C THR A 253 3.28 19.35 -21.67
N PRO A 254 3.07 19.58 -22.97
CA PRO A 254 3.99 19.03 -23.98
C PRO A 254 5.28 19.82 -23.97
N HIS A 255 6.40 19.12 -23.84
CA HIS A 255 7.71 19.76 -23.76
C HIS A 255 8.77 18.87 -24.40
N ARG A 256 9.96 19.45 -24.59
CA ARG A 256 11.10 18.77 -25.20
C ARG A 256 12.36 19.55 -24.87
N VAL A 257 13.51 18.89 -25.03
CA VAL A 257 14.81 19.54 -24.86
C VAL A 257 15.47 19.58 -26.23
N ARG A 258 15.80 20.79 -26.70
CA ARG A 258 16.44 20.98 -27.98
C ARG A 258 17.97 20.96 -27.84
N GLY A 262 24.80 22.86 -29.79
CA GLY A 262 24.74 23.21 -28.38
C GLY A 262 25.92 22.66 -27.59
N ARG A 263 25.83 22.70 -26.26
CA ARG A 263 26.93 22.20 -25.45
C ARG A 263 26.45 21.30 -24.32
N ASP A 264 27.18 21.29 -23.20
CA ASP A 264 27.00 20.32 -22.14
C ASP A 264 25.99 20.84 -21.11
N ARG A 265 24.88 20.11 -20.94
CA ARG A 265 23.78 20.55 -20.08
C ARG A 265 23.49 19.51 -19.00
N LEU A 266 23.12 19.98 -17.81
CA LEU A 266 22.59 19.15 -16.74
C LEU A 266 21.16 19.60 -16.41
N SER A 267 20.28 18.66 -16.10
CA SER A 267 18.96 19.01 -15.62
C SER A 267 18.55 17.97 -14.59
N PHE A 268 17.65 18.40 -13.70
CA PHE A 268 17.28 17.62 -12.51
C PHE A 268 15.76 17.64 -12.36
N PRO A 269 15.05 16.88 -13.18
CA PRO A 269 13.59 16.80 -13.03
C PRO A 269 13.22 16.01 -11.78
N PHE A 270 12.33 16.58 -10.98
CA PHE A 270 11.74 15.92 -9.83
C PHE A 270 10.24 15.77 -10.09
N PHE A 271 9.71 14.56 -9.88
CA PHE A 271 8.31 14.24 -10.18
C PHE A 271 7.55 13.92 -8.91
N PHE A 272 6.50 14.67 -8.65
CA PHE A 272 5.66 14.46 -7.46
C PHE A 272 4.33 13.86 -7.93
N ASP A 273 4.13 12.58 -7.64
CA ASP A 273 3.11 11.77 -8.31
C ASP A 273 2.21 11.10 -7.28
N PRO A 274 1.06 10.55 -7.71
CA PRO A 274 0.14 9.91 -6.75
C PRO A 274 0.73 8.67 -6.10
N ASN A 275 0.14 8.29 -4.97
CA ASN A 275 0.34 6.97 -4.38
C ASN A 275 0.30 5.87 -5.44
N PHE A 276 1.19 4.87 -5.26
CA PHE A 276 1.31 3.78 -6.21
C PHE A 276 -0.02 3.06 -6.42
N ASP A 277 -0.87 3.02 -5.41
CA ASP A 277 -2.15 2.30 -5.50
C ASP A 277 -3.33 3.24 -5.72
N ALA A 278 -3.09 4.54 -5.86
CA ALA A 278 -4.19 5.46 -6.04
C ALA A 278 -4.79 5.31 -7.43
N GLU A 279 -6.13 5.33 -7.48
CA GLU A 279 -6.89 5.39 -8.73
C GLU A 279 -7.40 6.83 -8.88
N VAL A 280 -6.64 7.66 -9.60
CA VAL A 280 -6.99 9.07 -9.73
C VAL A 280 -8.25 9.20 -10.58
N GLN A 281 -9.28 9.85 -10.02
CA GLN A 281 -10.54 9.95 -10.74
C GLN A 281 -10.83 11.40 -11.09
N PRO A 282 -11.49 11.65 -12.22
CA PRO A 282 -11.88 13.02 -12.56
C PRO A 282 -12.84 13.57 -11.52
N LEU A 283 -12.73 14.86 -11.27
CA LEU A 283 -13.73 15.51 -10.43
C LEU A 283 -15.09 15.34 -11.11
N PRO A 284 -16.12 14.93 -10.37
CA PRO A 284 -17.46 14.82 -10.98
C PRO A 284 -17.88 16.03 -11.80
N ALA A 285 -17.54 17.25 -11.35
CA ALA A 285 -17.97 18.46 -12.05
C ALA A 285 -17.17 18.75 -13.31
N LEU A 286 -16.04 18.08 -13.51
CA LEU A 286 -15.20 18.31 -14.67
C LEU A 286 -15.10 17.06 -15.54
N ASP A 287 -15.80 15.99 -15.17
CA ASP A 287 -15.68 14.67 -15.82
C ASP A 287 -16.53 14.67 -17.08
N ARG A 288 -16.02 15.32 -18.13
CA ARG A 288 -16.71 15.33 -19.41
C ARG A 288 -15.75 15.17 -20.58
N ALA A 289 -14.48 14.83 -20.32
CA ALA A 289 -13.59 14.21 -21.32
C ALA A 289 -13.43 15.00 -22.62
N SER A 303 -5.09 6.43 -23.56
CA SER A 303 -4.58 6.77 -22.23
C SER A 303 -5.21 8.06 -21.70
N VAL A 304 -4.73 8.48 -20.52
CA VAL A 304 -5.12 9.71 -19.82
C VAL A 304 -6.54 9.57 -19.27
N HIS A 305 -7.52 10.09 -20.00
CA HIS A 305 -8.90 10.08 -19.50
C HIS A 305 -9.49 8.67 -19.56
N ALA A 306 -9.09 7.88 -20.56
CA ALA A 306 -9.37 6.46 -20.60
C ALA A 306 -8.13 5.72 -20.11
N PHE A 307 -8.25 5.06 -18.96
CA PHE A 307 -7.20 4.23 -18.38
C PHE A 307 -7.78 3.60 -17.13
N GLU A 308 -7.85 2.28 -17.09
CA GLU A 308 -8.36 1.57 -15.94
C GLU A 308 -7.18 0.96 -15.20
N GLY A 309 -7.01 1.33 -13.94
CA GLY A 309 -5.94 0.78 -13.13
C GLY A 309 -5.37 1.81 -12.18
N THR A 310 -4.33 1.40 -11.47
CA THR A 310 -3.73 2.27 -10.47
C THR A 310 -2.67 3.15 -11.13
N TYR A 311 -2.20 4.16 -10.39
CA TYR A 311 -1.10 4.95 -10.92
C TYR A 311 0.14 4.07 -11.13
N GLY A 312 0.34 3.08 -10.24
CA GLY A 312 1.43 2.14 -10.43
C GLY A 312 1.32 1.36 -11.73
N ASP A 313 0.12 0.85 -12.03
CA ASP A 313 -0.10 0.22 -13.32
C ASP A 313 0.26 1.17 -14.46
N TYR A 314 -0.28 2.39 -14.40
CA TYR A 314 -0.01 3.39 -15.42
C TYR A 314 1.49 3.66 -15.55
N LEU A 315 2.15 4.00 -14.43
CA LEU A 315 3.58 4.27 -14.45
C LEU A 315 4.37 3.07 -14.98
N LEU A 316 4.00 1.86 -14.57
CA LEU A 316 4.73 0.67 -14.97
C LEU A 316 4.71 0.48 -16.48
N SER A 317 3.55 0.70 -17.11
CA SER A 317 3.48 0.58 -18.56
C SER A 317 4.45 1.53 -19.24
N LYS A 318 4.52 2.78 -18.76
CA LYS A 318 5.41 3.74 -19.39
C LYS A 318 6.88 3.38 -19.16
N VAL A 319 7.20 2.79 -18.00
CA VAL A 319 8.58 2.42 -17.71
C VAL A 319 9.01 1.24 -18.57
N SER A 320 8.08 0.33 -18.86
CA SER A 320 8.43 -0.83 -19.67
C SER A 320 8.85 -0.42 -21.08
N LYS A 321 8.39 0.74 -21.56
CA LYS A 321 8.71 1.19 -22.91
C LYS A 321 10.08 1.88 -23.00
N VAL A 322 10.50 2.59 -21.95
CA VAL A 322 11.75 3.35 -22.02
C VAL A 322 12.95 2.45 -21.80
N PHE A 323 12.82 1.43 -20.94
CA PHE A 323 13.85 0.42 -20.68
C PHE A 323 13.27 -0.96 -20.96
N PRO A 324 13.33 -1.47 -22.18
CA PRO A 324 12.96 -2.88 -22.41
C PRO A 324 13.74 -3.86 -21.55
N GLU A 325 15.00 -3.55 -21.19
CA GLU A 325 15.68 -4.27 -20.13
C GLU A 325 14.85 -4.19 -18.85
N LEU A 326 14.59 -5.34 -18.24
CA LEU A 326 13.76 -5.43 -17.03
C LEU A 326 12.41 -4.71 -17.21
N LEU B 7 10.11 -11.19 10.99
CA LEU B 7 8.83 -11.84 10.66
C LEU B 7 8.77 -12.25 9.18
N PRO B 8 8.58 -13.54 8.92
CA PRO B 8 8.79 -14.08 7.58
C PRO B 8 7.59 -13.91 6.65
N VAL B 9 7.92 -13.74 5.37
CA VAL B 9 6.97 -13.71 4.26
C VAL B 9 7.15 -15.00 3.46
N ILE B 10 6.14 -15.87 3.50
CA ILE B 10 6.24 -17.21 2.92
C ILE B 10 5.37 -17.27 1.68
N ASP B 11 5.97 -17.67 0.56
CA ASP B 11 5.25 -17.89 -0.68
C ASP B 11 4.60 -19.26 -0.62
N ILE B 12 3.29 -19.32 -0.49
CA ILE B 12 2.61 -20.60 -0.35
C ILE B 12 2.00 -21.08 -1.66
N SER B 13 2.38 -20.47 -2.79
CA SER B 13 1.93 -20.94 -4.12
C SER B 13 1.88 -22.45 -4.29
N PRO B 14 2.90 -23.24 -3.88
CA PRO B 14 2.82 -24.69 -4.05
C PRO B 14 1.62 -25.33 -3.35
N LEU B 15 1.09 -24.71 -2.31
CA LEU B 15 -0.07 -25.26 -1.62
C LEU B 15 -1.38 -24.80 -2.25
N VAL B 16 -1.30 -23.93 -3.26
CA VAL B 16 -2.45 -23.25 -3.84
C VAL B 16 -2.56 -23.67 -5.31
N ASP B 17 -1.61 -23.23 -6.15
CA ASP B 17 -1.76 -23.52 -7.57
C ASP B 17 -0.44 -23.80 -8.31
N ALA B 18 0.67 -24.05 -7.61
CA ALA B 18 1.97 -24.06 -8.26
C ALA B 18 2.67 -25.40 -8.06
N PRO B 19 3.75 -25.65 -8.80
CA PRO B 19 4.56 -26.86 -8.57
C PRO B 19 5.17 -26.89 -7.18
N GLY B 20 5.46 -28.11 -6.71
CA GLY B 20 5.94 -28.28 -5.35
C GLY B 20 7.31 -27.70 -5.09
N ARG B 21 7.51 -27.26 -3.85
CA ARG B 21 8.80 -26.80 -3.34
C ARG B 21 8.96 -27.29 -1.89
N ALA B 22 10.07 -28.00 -1.63
CA ALA B 22 10.31 -28.56 -0.31
C ALA B 22 10.41 -27.50 0.78
N GLU B 23 10.92 -26.31 0.43
CA GLU B 23 11.22 -25.30 1.43
C GLU B 23 9.97 -24.68 2.06
N VAL B 24 8.80 -24.81 1.43
CA VAL B 24 7.61 -24.10 1.91
C VAL B 24 7.19 -24.63 3.28
N ALA B 25 7.02 -25.95 3.40
CA ALA B 25 6.62 -26.53 4.68
C ALA B 25 7.69 -26.29 5.73
N ALA B 26 8.98 -26.32 5.33
CA ALA B 26 10.05 -26.01 6.28
C ALA B 26 9.95 -24.58 6.77
N GLN B 27 9.61 -23.65 5.87
CA GLN B 27 9.49 -22.24 6.23
C GLN B 27 8.31 -22.03 7.18
N ILE B 28 7.20 -22.76 6.97
CA ILE B 28 6.09 -22.68 7.90
C ILE B 28 6.52 -23.16 9.29
N GLY B 29 7.27 -24.27 9.35
CA GLY B 29 7.75 -24.77 10.63
C GLY B 29 8.63 -23.78 11.35
N GLN B 30 9.63 -23.25 10.66
CA GLN B 30 10.48 -22.21 11.24
C GLN B 30 9.63 -21.06 11.80
N ALA B 31 8.64 -20.60 11.01
CA ALA B 31 7.80 -19.49 11.46
C ALA B 31 6.99 -19.86 12.69
N CYS B 32 6.39 -21.05 12.70
CA CYS B 32 5.58 -21.44 13.85
C CYS B 32 6.46 -21.61 15.09
N ARG B 33 7.67 -22.16 14.93
CA ARG B 33 8.56 -22.40 16.05
C ARG B 33 9.15 -21.11 16.61
N GLU B 34 9.61 -20.21 15.73
CA GLU B 34 10.29 -19.00 16.18
C GLU B 34 9.32 -17.87 16.54
N HIS B 35 8.36 -17.59 15.66
CA HIS B 35 7.59 -16.35 15.73
C HIS B 35 6.14 -16.55 16.14
N GLY B 36 5.52 -17.66 15.77
CA GLY B 36 4.10 -17.81 15.95
C GLY B 36 3.27 -17.08 14.90
N PHE B 37 3.90 -16.27 14.05
CA PHE B 37 3.22 -15.48 13.02
C PHE B 37 4.02 -15.60 11.74
N PHE B 38 3.32 -15.37 10.63
CA PHE B 38 4.00 -15.28 9.35
C PHE B 38 3.04 -14.66 8.34
N TYR B 39 3.62 -13.94 7.38
CA TYR B 39 2.89 -13.49 6.21
C TYR B 39 2.88 -14.57 5.14
N VAL B 40 1.82 -14.62 4.35
CA VAL B 40 1.72 -15.52 3.21
C VAL B 40 1.41 -14.69 1.98
N THR B 41 2.11 -14.98 0.88
CA THR B 41 1.80 -14.48 -0.46
C THR B 41 1.51 -15.67 -1.36
N GLY B 42 1.00 -15.39 -2.55
CA GLY B 42 0.61 -16.48 -3.45
C GLY B 42 -0.51 -17.32 -2.91
N HIS B 43 -1.35 -16.75 -2.04
CA HIS B 43 -2.48 -17.44 -1.41
C HIS B 43 -3.64 -17.67 -2.37
N GLY B 44 -3.70 -16.95 -3.50
CA GLY B 44 -4.70 -17.19 -4.51
C GLY B 44 -6.06 -16.54 -4.29
N VAL B 45 -6.23 -15.77 -3.23
CA VAL B 45 -7.50 -15.07 -3.00
C VAL B 45 -7.51 -13.82 -3.86
N ASP B 46 -8.51 -13.71 -4.72
CA ASP B 46 -8.54 -12.66 -5.73
C ASP B 46 -8.45 -11.28 -5.07
N PRO B 47 -7.54 -10.42 -5.49
CA PRO B 47 -7.44 -9.09 -4.88
C PRO B 47 -8.66 -8.21 -5.16
N GLU B 48 -9.29 -8.35 -6.33
CA GLU B 48 -10.48 -7.57 -6.63
C GLU B 48 -11.64 -7.97 -5.71
N LEU B 49 -11.76 -9.27 -5.41
CA LEU B 49 -12.70 -9.68 -4.37
C LEU B 49 -12.37 -9.02 -3.04
N GLN B 50 -11.08 -8.93 -2.70
CA GLN B 50 -10.69 -8.29 -1.45
C GLN B 50 -11.07 -6.82 -1.46
N ASP B 51 -10.88 -6.15 -2.61
CA ASP B 51 -11.16 -4.72 -2.73
C ASP B 51 -12.65 -4.45 -2.63
N ARG B 52 -13.46 -5.34 -3.18
CA ARG B 52 -14.91 -5.20 -3.09
C ARG B 52 -15.38 -5.38 -1.65
N LEU B 53 -14.71 -6.28 -0.92
CA LEU B 53 -15.03 -6.49 0.49
C LEU B 53 -14.72 -5.25 1.32
N GLU B 54 -13.60 -4.59 1.03
CA GLU B 54 -13.27 -3.39 1.80
C GLU B 54 -14.22 -2.25 1.46
N ALA B 55 -14.56 -2.09 0.17
CA ALA B 55 -15.41 -0.98 -0.25
C ALA B 55 -16.83 -1.14 0.29
N LEU B 56 -17.38 -2.34 0.21
CA LEU B 56 -18.71 -2.57 0.73
C LEU B 56 -18.73 -2.48 2.27
N SER B 57 -17.61 -2.78 2.92
CA SER B 57 -17.50 -2.59 4.36
C SER B 57 -17.51 -1.12 4.74
N ARG B 58 -16.70 -0.31 4.06
CA ARG B 58 -16.70 1.11 4.35
C ARG B 58 -18.07 1.72 4.12
N GLU B 59 -18.78 1.21 3.10
CA GLU B 59 -20.13 1.68 2.81
C GLU B 59 -21.08 1.34 3.97
N PHE B 60 -20.97 0.13 4.51
CA PHE B 60 -21.85 -0.24 5.62
C PHE B 60 -21.56 0.60 6.86
N PHE B 61 -20.29 0.70 7.25
CA PHE B 61 -19.97 1.39 8.49
C PHE B 61 -20.24 2.88 8.42
N ALA B 62 -20.39 3.45 7.21
CA ALA B 62 -20.73 4.86 7.05
C ALA B 62 -22.23 5.11 7.14
N LEU B 63 -23.04 4.04 7.20
CA LEU B 63 -24.48 4.20 7.33
C LEU B 63 -24.80 4.88 8.67
N PRO B 64 -26.00 5.46 8.79
CA PRO B 64 -26.45 5.95 10.10
C PRO B 64 -26.55 4.80 11.11
N GLU B 65 -26.35 5.15 12.38
CA GLU B 65 -26.31 4.14 13.45
C GLU B 65 -27.58 3.29 13.49
N GLU B 66 -28.75 3.92 13.40
CA GLU B 66 -29.99 3.14 13.50
C GLU B 66 -30.18 2.18 12.32
N GLU B 67 -29.62 2.49 11.16
CA GLU B 67 -29.71 1.52 10.07
C GLU B 67 -28.77 0.35 10.31
N LYS B 68 -27.54 0.62 10.77
CA LYS B 68 -26.62 -0.46 11.09
C LYS B 68 -27.20 -1.36 12.18
N MET B 69 -27.91 -0.76 13.14
CA MET B 69 -28.48 -1.53 14.24
C MET B 69 -29.65 -2.41 13.82
N LYS B 70 -30.11 -2.28 12.57
CA LYS B 70 -31.12 -3.21 12.08
C LYS B 70 -30.62 -4.64 12.02
N ILE B 71 -29.29 -4.84 11.93
CA ILE B 71 -28.72 -6.20 11.93
C ILE B 71 -27.85 -6.34 13.16
N ARG B 72 -28.25 -5.71 14.26
CA ARG B 72 -27.51 -5.86 15.50
C ARG B 72 -27.48 -7.31 15.96
N MET B 73 -26.40 -7.65 16.68
CA MET B 73 -26.11 -9.03 17.04
C MET B 73 -27.24 -9.67 17.84
N ALA B 74 -28.00 -8.87 18.61
CA ALA B 74 -29.13 -9.45 19.33
C ALA B 74 -30.12 -10.12 18.37
N ARG B 75 -30.23 -9.63 17.13
CA ARG B 75 -31.13 -10.22 16.16
C ARG B 75 -30.58 -11.49 15.53
N GLY B 76 -29.29 -11.78 15.69
CA GLY B 76 -28.73 -13.00 15.14
C GLY B 76 -29.04 -14.24 15.95
N GLY B 77 -29.38 -14.06 17.24
CA GLY B 77 -29.72 -15.16 18.11
C GLY B 77 -28.51 -15.99 18.52
N ARG B 78 -28.74 -17.27 18.75
CA ARG B 78 -27.67 -18.18 19.17
C ARG B 78 -26.60 -18.35 18.09
N ALA B 79 -26.88 -17.96 16.85
CA ALA B 79 -25.89 -18.11 15.78
C ALA B 79 -24.68 -17.21 15.95
N TRP B 80 -24.81 -16.12 16.71
CA TRP B 80 -23.71 -15.20 17.01
C TRP B 80 -23.31 -14.42 15.75
N ARG B 81 -24.24 -13.63 15.23
CA ARG B 81 -24.10 -12.96 13.95
C ARG B 81 -24.66 -11.56 14.03
N GLY B 82 -24.00 -10.63 13.34
CA GLY B 82 -24.59 -9.33 13.13
C GLY B 82 -23.64 -8.24 13.56
N TYR B 83 -24.21 -7.06 13.76
CA TYR B 83 -23.47 -5.84 14.04
C TYR B 83 -23.44 -5.54 15.54
N PHE B 84 -22.32 -4.95 15.98
CA PHE B 84 -22.20 -4.32 17.29
C PHE B 84 -21.59 -2.94 17.12
N PRO B 85 -22.12 -1.93 17.80
CA PRO B 85 -21.56 -0.59 17.67
C PRO B 85 -20.46 -0.36 18.68
N VAL B 86 -19.93 0.88 18.74
CA VAL B 86 -18.97 1.22 19.79
C VAL B 86 -19.54 0.84 21.15
N GLY B 87 -18.71 0.26 21.99
CA GLY B 87 -19.14 -0.25 23.27
C GLY B 87 -19.80 -1.61 23.22
N GLY B 88 -20.01 -2.16 22.02
CA GLY B 88 -20.75 -3.41 21.90
C GLY B 88 -19.94 -4.63 22.30
N GLU B 89 -18.61 -4.58 22.16
CA GLU B 89 -17.70 -5.64 22.59
C GLU B 89 -17.07 -5.28 23.93
N LEU B 90 -16.96 -6.27 24.80
CA LEU B 90 -16.31 -6.10 26.09
C LEU B 90 -14.92 -6.73 26.00
N THR B 91 -13.89 -5.88 26.02
CA THR B 91 -12.50 -6.34 26.00
C THR B 91 -11.74 -5.69 27.15
N SER B 92 -10.74 -6.41 27.66
CA SER B 92 -10.06 -6.06 28.91
C SER B 92 -11.13 -6.07 29.98
N GLY B 93 -11.44 -4.91 30.56
CA GLY B 93 -12.53 -4.86 31.50
C GLY B 93 -13.53 -3.76 31.23
N LYS B 94 -13.47 -3.13 30.05
CA LYS B 94 -14.39 -2.07 29.69
C LYS B 94 -14.92 -2.25 28.27
N PRO B 95 -16.12 -1.74 27.98
CA PRO B 95 -16.60 -1.74 26.60
C PRO B 95 -15.57 -1.08 25.68
N ASP B 96 -15.40 -1.67 24.49
CA ASP B 96 -14.34 -1.29 23.57
C ASP B 96 -14.81 -0.24 22.57
N TRP B 97 -13.93 0.73 22.28
CA TRP B 97 -14.18 1.74 21.25
C TRP B 97 -13.90 1.10 19.90
N LYS B 98 -14.93 0.43 19.38
CA LYS B 98 -14.81 -0.46 18.24
C LYS B 98 -16.21 -0.87 17.82
N GLU B 99 -16.44 -0.92 16.51
CA GLU B 99 -17.66 -1.49 15.97
C GLU B 99 -17.26 -2.61 15.02
N GLY B 100 -18.21 -3.47 14.66
CA GLY B 100 -17.85 -4.53 13.76
C GLY B 100 -19.01 -5.38 13.32
N LEU B 101 -18.66 -6.48 12.63
CA LEU B 101 -19.61 -7.43 12.08
C LEU B 101 -19.17 -8.83 12.41
N TYR B 102 -20.12 -9.69 12.78
CA TYR B 102 -19.87 -11.10 13.03
C TYR B 102 -20.50 -11.96 11.95
N PHE B 103 -19.69 -12.77 11.28
CA PHE B 103 -20.16 -13.70 10.25
C PHE B 103 -19.69 -15.11 10.57
N GLY B 104 -20.43 -16.07 10.03
CA GLY B 104 -20.06 -17.47 10.14
C GLY B 104 -20.56 -18.28 8.95
N THR B 105 -20.44 -19.59 9.01
CA THR B 105 -20.94 -20.43 7.93
C THR B 105 -22.44 -20.21 7.74
N GLU B 106 -22.86 -20.06 6.49
CA GLU B 106 -24.28 -19.85 6.19
C GLU B 106 -25.00 -21.20 6.22
N LEU B 107 -25.76 -21.46 7.30
CA LEU B 107 -26.48 -22.71 7.43
C LEU B 107 -27.99 -22.49 7.37
N PRO B 108 -28.70 -23.28 6.57
CA PRO B 108 -30.18 -23.18 6.49
C PRO B 108 -30.82 -23.68 7.77
N PRO B 109 -32.09 -23.31 8.03
CA PRO B 109 -32.72 -23.73 9.30
C PRO B 109 -33.05 -25.21 9.39
N ASP B 110 -33.06 -25.95 8.28
CA ASP B 110 -33.28 -27.38 8.35
C ASP B 110 -31.99 -28.17 8.53
N HIS B 111 -30.85 -27.49 8.68
CA HIS B 111 -29.59 -28.17 8.95
C HIS B 111 -29.60 -28.76 10.36
N PRO B 112 -29.13 -30.00 10.53
CA PRO B 112 -29.19 -30.65 11.87
C PRO B 112 -28.64 -29.81 13.02
N ARG B 113 -27.51 -29.11 12.82
CA ARG B 113 -26.96 -28.26 13.87
C ARG B 113 -27.93 -27.17 14.28
N VAL B 114 -28.65 -26.61 13.31
CA VAL B 114 -29.61 -25.55 13.63
C VAL B 114 -30.87 -26.13 14.27
N ARG B 115 -31.33 -27.30 13.79
CA ARG B 115 -32.47 -27.95 14.43
C ARG B 115 -32.15 -28.36 15.86
N ALA B 116 -30.88 -28.64 16.15
CA ALA B 116 -30.45 -28.95 17.51
C ALA B 116 -30.26 -27.70 18.39
N GLY B 117 -30.39 -26.50 17.83
CA GLY B 117 -30.16 -25.30 18.59
C GLY B 117 -28.73 -25.16 19.06
N THR B 118 -27.77 -25.72 18.31
CA THR B 118 -26.36 -25.61 18.69
C THR B 118 -25.90 -24.16 18.60
N PRO B 119 -25.30 -23.60 19.65
CA PRO B 119 -24.79 -22.24 19.57
C PRO B 119 -23.80 -22.08 18.43
N LEU B 120 -23.77 -20.87 17.88
CA LEU B 120 -22.82 -20.44 16.87
C LEU B 120 -23.07 -21.08 15.50
N HIS B 121 -24.26 -21.63 15.29
CA HIS B 121 -24.65 -22.20 14.01
C HIS B 121 -25.95 -21.57 13.54
N GLY B 122 -26.03 -21.30 12.24
CA GLY B 122 -27.20 -20.66 11.66
C GLY B 122 -26.85 -19.70 10.53
N ARG B 123 -27.74 -18.74 10.33
CA ARG B 123 -27.73 -17.81 9.22
C ARG B 123 -27.08 -16.48 9.61
N ASN B 124 -26.45 -15.84 8.63
CA ASN B 124 -25.89 -14.51 8.79
C ASN B 124 -26.94 -13.42 8.53
N LEU B 125 -26.68 -12.25 9.09
CA LEU B 125 -27.48 -11.06 8.86
C LEU B 125 -26.72 -10.13 7.93
N PHE B 126 -27.43 -9.55 6.96
CA PHE B 126 -26.89 -8.58 6.01
C PHE B 126 -27.82 -7.39 5.89
N PRO B 127 -27.27 -6.20 5.64
CA PRO B 127 -28.09 -4.98 5.62
C PRO B 127 -28.80 -4.76 4.30
N GLU B 128 -30.07 -4.38 4.39
CA GLU B 128 -30.84 -4.00 3.23
C GLU B 128 -30.17 -2.90 2.43
N GLU B 129 -29.38 -2.04 3.08
CA GLU B 129 -28.82 -0.88 2.39
C GLU B 129 -27.60 -1.21 1.53
N VAL B 130 -26.97 -2.38 1.71
CA VAL B 130 -25.80 -2.78 0.93
C VAL B 130 -26.10 -4.15 0.31
N PRO B 131 -26.95 -4.20 -0.72
CA PRO B 131 -27.46 -5.50 -1.20
C PRO B 131 -26.42 -6.46 -1.73
N GLU B 132 -25.29 -6.00 -2.24
CA GLU B 132 -24.28 -6.91 -2.76
C GLU B 132 -23.30 -7.36 -1.68
N PHE B 133 -23.51 -6.91 -0.43
CA PHE B 133 -22.59 -7.28 0.65
C PHE B 133 -22.66 -8.77 0.92
N ARG B 134 -23.87 -9.35 0.86
CA ARG B 134 -24.05 -10.77 1.13
C ARG B 134 -23.21 -11.65 0.21
N GLU B 135 -23.28 -11.40 -1.10
CA GLU B 135 -22.55 -12.22 -2.05
C GLU B 135 -21.05 -12.09 -1.85
N THR B 136 -20.57 -10.87 -1.66
CA THR B 136 -19.14 -10.67 -1.48
C THR B 136 -18.62 -11.38 -0.24
N VAL B 137 -19.33 -11.25 0.89
CA VAL B 137 -18.90 -11.88 2.13
C VAL B 137 -18.88 -13.40 2.00
N LEU B 138 -19.96 -13.98 1.47
CA LEU B 138 -19.99 -15.44 1.43
C LEU B 138 -18.95 -15.98 0.45
N GLU B 139 -18.68 -15.26 -0.63
CA GLU B 139 -17.61 -15.68 -1.54
C GLU B 139 -16.24 -15.55 -0.88
N TYR B 140 -16.03 -14.49 -0.09
CA TYR B 140 -14.76 -14.33 0.63
C TYR B 140 -14.56 -15.45 1.65
N MET B 141 -15.60 -15.74 2.44
CA MET B 141 -15.51 -16.84 3.40
C MET B 141 -15.22 -18.17 2.70
N ASP B 142 -15.78 -18.40 1.52
CA ASP B 142 -15.49 -19.62 0.78
C ASP B 142 -14.02 -19.67 0.37
N ALA B 143 -13.51 -18.58 -0.18
CA ALA B 143 -12.11 -18.50 -0.56
C ALA B 143 -11.20 -18.70 0.65
N MET B 144 -11.58 -18.17 1.82
CA MET B 144 -10.73 -18.24 3.00
C MET B 144 -10.81 -19.61 3.65
N THR B 145 -11.97 -20.25 3.64
CA THR B 145 -12.07 -21.61 4.11
C THR B 145 -11.16 -22.53 3.31
N GLN B 146 -11.15 -22.37 1.98
CA GLN B 146 -10.25 -23.18 1.15
C GLN B 146 -8.79 -22.87 1.45
N LEU B 147 -8.48 -21.59 1.63
CA LEU B 147 -7.12 -21.20 2.03
C LEU B 147 -6.75 -21.82 3.38
N GLY B 148 -7.69 -21.82 4.33
CA GLY B 148 -7.46 -22.44 5.63
C GLY B 148 -7.06 -23.89 5.52
N HIS B 149 -7.82 -24.68 4.74
CA HIS B 149 -7.52 -26.10 4.60
C HIS B 149 -6.11 -26.29 4.03
N ARG B 150 -5.73 -25.43 3.09
CA ARG B 150 -4.41 -25.57 2.48
C ARG B 150 -3.32 -25.20 3.48
N LEU B 151 -3.56 -24.17 4.32
CA LEU B 151 -2.56 -23.78 5.32
C LEU B 151 -2.42 -24.81 6.42
N MET B 152 -3.52 -25.48 6.79
CA MET B 152 -3.42 -26.56 7.76
C MET B 152 -2.59 -27.71 7.21
N ARG B 153 -2.62 -27.94 5.89
CA ARG B 153 -1.78 -28.97 5.29
C ARG B 153 -0.32 -28.60 5.44
N GLY B 154 0.05 -27.37 5.09
CA GLY B 154 1.41 -26.91 5.32
C GLY B 154 1.84 -27.04 6.77
N ILE B 155 0.94 -26.69 7.70
CA ILE B 155 1.29 -26.78 9.11
C ILE B 155 1.52 -28.23 9.52
N ALA B 156 0.64 -29.14 9.07
CA ALA B 156 0.86 -30.56 9.34
C ALA B 156 2.21 -31.02 8.77
N LEU B 157 2.45 -30.69 7.49
CA LEU B 157 3.74 -31.00 6.90
C LEU B 157 4.90 -30.45 7.73
N SER B 158 4.73 -29.26 8.31
CA SER B 158 5.81 -28.62 9.05
C SER B 158 6.15 -29.38 10.34
N LEU B 159 5.23 -30.20 10.83
CA LEU B 159 5.45 -31.05 12.00
C LEU B 159 5.90 -32.45 11.63
N GLY B 160 6.18 -32.71 10.34
CA GLY B 160 6.50 -34.05 9.95
C GLY B 160 5.34 -35.01 9.97
N LEU B 161 4.12 -34.50 9.91
CA LEU B 161 2.88 -35.25 9.92
C LEU B 161 2.38 -35.44 8.49
N PRO B 162 1.46 -36.38 8.27
CA PRO B 162 0.78 -36.43 6.97
C PRO B 162 0.00 -35.16 6.73
N ALA B 163 -0.03 -34.74 5.46
CA ALA B 163 -0.60 -33.44 5.09
C ALA B 163 -2.03 -33.30 5.61
N ASP B 164 -2.80 -34.39 5.58
CA ASP B 164 -4.21 -34.35 5.96
C ASP B 164 -4.44 -34.78 7.40
N TYR B 165 -3.46 -34.54 8.28
CA TYR B 165 -3.61 -34.91 9.68
C TYR B 165 -4.78 -34.17 10.32
N PHE B 166 -4.87 -32.86 10.10
CA PHE B 166 -5.95 -32.06 10.66
C PHE B 166 -7.29 -32.38 9.98
N ARG B 167 -7.31 -32.36 8.64
CA ARG B 167 -8.54 -32.62 7.90
C ARG B 167 -9.22 -33.92 8.34
N GLU B 168 -8.42 -34.93 8.73
CA GLU B 168 -8.98 -36.23 9.07
C GLU B 168 -9.50 -36.30 10.51
N ARG B 169 -9.17 -35.30 11.35
CA ARG B 169 -9.48 -35.38 12.78
C ARG B 169 -10.27 -34.18 13.29
N TYR B 170 -9.81 -32.95 13.01
CA TYR B 170 -10.33 -31.77 13.68
C TYR B 170 -10.97 -30.74 12.75
N THR B 171 -10.66 -30.77 11.45
CA THR B 171 -11.11 -29.71 10.56
C THR B 171 -11.83 -30.23 9.33
N ALA B 172 -12.28 -31.49 9.35
CA ALA B 172 -13.15 -31.97 8.28
C ALA B 172 -14.37 -31.06 8.13
N ASP B 173 -14.98 -30.68 9.26
CA ASP B 173 -16.11 -29.75 9.32
C ASP B 173 -15.72 -28.62 10.27
N PRO B 174 -14.88 -27.68 9.81
CA PRO B 174 -14.24 -26.74 10.73
C PRO B 174 -15.19 -25.65 11.21
N THR B 175 -14.88 -25.11 12.40
CA THR B 175 -15.59 -23.92 12.88
C THR B 175 -15.02 -22.69 12.18
N VAL B 176 -15.82 -22.07 11.33
CA VAL B 176 -15.38 -20.94 10.53
C VAL B 176 -16.02 -19.68 11.10
N LEU B 177 -15.18 -18.74 11.49
CA LEU B 177 -15.60 -17.47 12.05
C LEU B 177 -14.91 -16.38 11.27
N PHE B 178 -15.66 -15.34 10.93
CA PHE B 178 -15.17 -14.22 10.15
C PHE B 178 -15.76 -12.95 10.73
N ARG B 179 -14.90 -11.96 10.97
CA ARG B 179 -15.31 -10.70 11.58
C ARG B 179 -14.74 -9.56 10.77
N ILE B 180 -15.45 -8.45 10.77
CA ILE B 180 -14.99 -7.21 10.17
C ILE B 180 -15.02 -6.16 11.28
N PHE B 181 -13.86 -5.62 11.63
CA PHE B 181 -13.72 -4.69 12.74
C PHE B 181 -13.39 -3.30 12.21
N HIS B 182 -14.09 -2.30 12.70
CA HIS B 182 -13.85 -0.90 12.36
C HIS B 182 -13.53 -0.12 13.62
N TYR B 183 -12.32 0.44 13.67
CA TYR B 183 -11.88 1.24 14.80
C TYR B 183 -11.95 2.72 14.42
N PRO B 184 -12.94 3.47 14.89
CA PRO B 184 -12.98 4.91 14.56
C PRO B 184 -11.83 5.63 15.24
N PRO B 185 -11.51 6.89 14.80
CA PRO B 185 -10.46 7.66 15.44
C PRO B 185 -10.67 7.77 16.95
N PRO B 186 -9.62 7.56 17.76
CA PRO B 186 -9.73 7.61 19.20
C PRO B 186 -10.39 8.90 19.68
N PRO B 187 -11.23 8.81 20.70
CA PRO B 187 -11.97 9.99 21.17
C PRO B 187 -11.05 10.92 21.97
N ASP B 188 -9.79 10.55 22.07
CA ASP B 188 -8.84 11.23 22.94
C ASP B 188 -8.97 10.76 24.38
N GLY B 196 -5.33 -4.22 23.19
CA GLY B 196 -4.95 -5.03 24.33
C GLY B 196 -4.19 -6.30 23.98
N GLU B 197 -3.19 -6.64 24.80
CA GLU B 197 -2.42 -7.85 24.60
C GLU B 197 -3.30 -9.08 24.81
N HIS B 198 -3.13 -10.08 23.93
CA HIS B 198 -3.92 -11.30 24.01
C HIS B 198 -3.29 -12.36 23.09
N THR B 199 -3.81 -13.58 23.20
CA THR B 199 -3.49 -14.67 22.30
C THR B 199 -4.79 -15.24 21.76
N ASP B 200 -4.79 -15.66 20.50
CA ASP B 200 -5.98 -16.28 19.94
C ASP B 200 -6.11 -17.73 20.41
N TYR B 201 -7.34 -18.21 20.49
CA TYR B 201 -7.61 -19.48 21.15
C TYR B 201 -7.98 -20.62 20.19
N GLY B 202 -8.09 -20.36 18.88
CA GLY B 202 -8.42 -21.45 17.99
C GLY B 202 -7.20 -22.13 17.38
N LEU B 203 -7.26 -22.51 16.11
CA LEU B 203 -6.08 -23.04 15.42
C LEU B 203 -5.30 -21.94 14.70
N LEU B 204 -5.97 -21.27 13.77
CA LEU B 204 -5.33 -20.47 12.75
C LEU B 204 -6.12 -19.17 12.57
N THR B 205 -5.41 -18.05 12.57
CA THR B 205 -5.98 -16.78 12.18
C THR B 205 -5.35 -16.36 10.86
N ILE B 206 -6.20 -16.10 9.86
CA ILE B 206 -5.78 -15.51 8.58
C ILE B 206 -6.33 -14.08 8.54
N LEU B 207 -5.47 -13.09 8.63
CA LEU B 207 -5.91 -11.72 8.84
C LEU B 207 -5.59 -10.85 7.64
N LYS B 208 -6.62 -10.17 7.13
CA LYS B 208 -6.43 -9.13 6.13
C LYS B 208 -6.37 -7.80 6.87
N GLN B 209 -5.33 -7.01 6.61
CA GLN B 209 -5.18 -5.70 7.21
C GLN B 209 -5.46 -4.61 6.17
N ASP B 210 -6.00 -3.46 6.64
CA ASP B 210 -6.03 -2.29 5.75
C ASP B 210 -4.67 -1.61 5.78
N ASP B 211 -4.44 -0.70 4.84
CA ASP B 211 -3.11 -0.11 4.74
C ASP B 211 -2.80 0.75 5.97
N CYS B 212 -3.80 1.43 6.50
CA CYS B 212 -3.62 2.26 7.70
C CYS B 212 -3.76 1.40 8.96
N GLY B 213 -2.94 0.35 9.03
CA GLY B 213 -2.99 -0.60 10.13
C GLY B 213 -1.72 -0.54 10.96
N GLY B 214 -1.78 -0.96 12.23
CA GLY B 214 -0.61 -0.98 13.09
C GLY B 214 -0.60 -2.09 14.12
N LEU B 215 -0.22 -3.30 13.71
CA LEU B 215 -0.23 -4.47 14.58
C LEU B 215 1.18 -4.78 15.06
N GLN B 216 1.25 -5.36 16.27
CA GLN B 216 2.52 -5.66 16.92
C GLN B 216 2.46 -7.03 17.55
N VAL B 217 3.62 -7.69 17.58
CA VAL B 217 3.71 -9.08 18.07
C VAL B 217 4.86 -9.19 19.07
N LYS B 218 4.70 -9.99 20.13
CA LYS B 218 5.76 -10.16 21.16
C LYS B 218 6.83 -11.14 20.68
N SER B 219 8.04 -10.64 20.46
CA SER B 219 9.16 -11.53 20.06
C SER B 219 9.52 -12.48 21.19
N LYS B 220 9.98 -13.67 20.84
CA LYS B 220 10.45 -14.64 21.86
C LYS B 220 11.65 -14.01 22.58
N GLY B 221 12.37 -13.12 21.88
CA GLY B 221 13.48 -12.38 22.51
C GLY B 221 13.04 -11.03 23.03
N GLY B 223 10.88 -8.34 23.46
CA GLY B 223 10.53 -7.10 22.79
C GLY B 223 9.36 -7.26 21.83
N TRP B 224 8.65 -6.16 21.58
CA TRP B 224 7.53 -6.11 20.66
C TRP B 224 7.97 -5.65 19.27
N ILE B 225 7.58 -6.41 18.24
CA ILE B 225 7.97 -6.12 16.85
C ILE B 225 6.73 -5.71 16.05
N ASP B 226 6.96 -4.84 15.06
CA ASP B 226 5.88 -4.36 14.22
C ASP B 226 5.56 -5.35 13.11
N ALA B 227 4.28 -5.68 12.97
CA ALA B 227 3.83 -6.42 11.81
C ALA B 227 3.00 -5.51 10.92
N PRO B 228 3.64 -4.60 10.20
CA PRO B 228 2.90 -3.65 9.36
C PRO B 228 2.20 -4.38 8.23
N PRO B 229 1.20 -3.75 7.61
CA PRO B 229 0.57 -4.36 6.44
C PRO B 229 1.54 -4.46 5.27
N ILE B 230 1.56 -5.63 4.63
CA ILE B 230 2.37 -5.86 3.45
C ILE B 230 1.45 -6.17 2.27
N PRO B 231 1.53 -5.40 1.17
CA PRO B 231 0.59 -5.60 0.05
C PRO B 231 0.61 -7.02 -0.50
N GLY B 232 -0.59 -7.54 -0.80
CA GLY B 232 -0.77 -8.87 -1.33
C GLY B 232 -0.59 -10.02 -0.34
N THR B 233 -0.60 -9.72 0.96
CA THR B 233 -0.40 -10.74 1.99
C THR B 233 -1.59 -10.79 2.95
N PHE B 234 -1.68 -11.91 3.64
CA PHE B 234 -2.43 -12.00 4.89
C PHE B 234 -1.43 -12.31 6.00
N VAL B 235 -1.67 -11.80 7.19
CA VAL B 235 -0.86 -12.18 8.34
C VAL B 235 -1.52 -13.37 9.00
N CYS B 236 -0.75 -14.44 9.19
CA CYS B 236 -1.26 -15.66 9.79
C CYS B 236 -0.59 -15.88 11.14
N ASN B 237 -1.38 -16.36 12.10
CA ASN B 237 -0.81 -16.79 13.36
C ASN B 237 -1.58 -18.00 13.87
N ILE B 238 -0.96 -18.70 14.80
CA ILE B 238 -1.51 -19.93 15.33
C ILE B 238 -2.13 -19.65 16.70
N GLY B 239 -3.17 -20.40 17.04
CA GLY B 239 -3.92 -20.18 18.25
C GLY B 239 -3.58 -21.16 19.37
N ASP B 240 -4.27 -20.93 20.50
CA ASP B 240 -4.08 -21.72 21.71
C ASP B 240 -4.32 -23.20 21.49
N MET B 241 -5.23 -23.55 20.57
CA MET B 241 -5.52 -24.96 20.34
C MET B 241 -4.37 -25.66 19.62
N LEU B 242 -3.63 -24.95 18.77
CA LEU B 242 -2.45 -25.51 18.13
C LEU B 242 -1.28 -25.54 19.11
N ASP B 243 -1.21 -24.54 19.99
CA ASP B 243 -0.31 -24.58 21.14
C ASP B 243 -0.53 -25.84 21.96
N ARG B 244 -1.78 -26.10 22.35
CA ARG B 244 -2.09 -27.31 23.12
C ARG B 244 -1.74 -28.56 22.33
N MET B 245 -2.05 -28.58 21.02
CA MET B 245 -1.85 -29.81 20.26
C MET B 245 -0.37 -30.16 20.12
N THR B 246 0.49 -29.15 20.00
CA THR B 246 1.92 -29.38 19.84
C THR B 246 2.67 -29.39 21.17
N GLY B 247 1.95 -29.44 22.28
CA GLY B 247 2.56 -29.40 23.61
C GLY B 247 3.49 -28.22 23.82
N GLY B 248 3.17 -27.06 23.23
CA GLY B 248 4.00 -25.88 23.40
C GLY B 248 5.09 -25.70 22.36
N LEU B 249 5.24 -26.63 21.42
CA LEU B 249 6.22 -26.44 20.36
C LEU B 249 5.86 -25.23 19.49
N TYR B 250 4.60 -25.15 19.05
CA TYR B 250 4.08 -23.99 18.33
C TYR B 250 3.30 -23.15 19.34
N ARG B 251 3.89 -22.07 19.81
CA ARG B 251 3.29 -21.28 20.88
C ARG B 251 2.39 -20.17 20.31
N SER B 252 1.14 -20.11 20.78
CA SER B 252 0.33 -18.92 20.47
C SER B 252 1.05 -17.67 21.00
N THR B 253 1.30 -16.76 20.12
CA THR B 253 2.14 -15.61 20.41
C THR B 253 1.26 -14.42 20.78
N PRO B 254 1.53 -13.76 21.91
CA PRO B 254 0.76 -12.54 22.23
C PRO B 254 1.03 -11.42 21.23
N HIS B 255 -0.06 -10.77 20.82
CA HIS B 255 -0.03 -9.67 19.88
C HIS B 255 -1.06 -8.63 20.32
N ARG B 256 -0.97 -7.43 19.74
CA ARG B 256 -1.80 -6.30 20.12
C ARG B 256 -1.86 -5.31 18.96
N VAL B 257 -2.90 -4.47 18.95
CA VAL B 257 -3.11 -3.45 17.93
C VAL B 257 -2.99 -2.07 18.55
N ARG B 258 -2.06 -1.26 18.02
CA ARG B 258 -1.83 0.08 18.54
C ARG B 258 -2.72 1.12 17.84
N GLY B 262 -4.66 7.27 16.37
CA GLY B 262 -5.23 8.54 15.84
C GLY B 262 -5.61 8.46 14.37
N ARG B 263 -6.13 7.33 13.92
CA ARG B 263 -6.61 7.21 12.52
C ARG B 263 -7.70 6.14 12.43
N ASP B 264 -8.39 6.06 11.30
CA ASP B 264 -9.53 5.12 11.13
C ASP B 264 -9.01 3.81 10.54
N ARG B 265 -9.24 2.69 11.21
CA ARG B 265 -8.68 1.40 10.74
C ARG B 265 -9.77 0.36 10.51
N LEU B 266 -9.62 -0.44 9.45
CA LEU B 266 -10.54 -1.57 9.19
C LEU B 266 -9.66 -2.83 9.15
N SER B 267 -10.10 -3.93 9.75
CA SER B 267 -9.39 -5.20 9.69
C SER B 267 -10.40 -6.32 9.49
N PHE B 268 -9.91 -7.44 8.95
CA PHE B 268 -10.76 -8.58 8.59
C PHE B 268 -10.13 -9.86 9.10
N PRO B 269 -10.23 -10.13 10.40
CA PRO B 269 -9.75 -11.41 10.92
C PRO B 269 -10.66 -12.55 10.50
N PHE B 270 -10.05 -13.62 9.98
CA PHE B 270 -10.73 -14.87 9.67
C PHE B 270 -10.13 -15.95 10.55
N PHE B 271 -10.98 -16.72 11.22
CA PHE B 271 -10.54 -17.73 12.17
C PHE B 271 -10.93 -19.11 11.65
N PHE B 272 -9.92 -19.97 11.46
CA PHE B 272 -10.10 -21.33 10.99
C PHE B 272 -9.84 -22.25 12.19
N ASP B 273 -10.90 -22.84 12.73
CA ASP B 273 -10.88 -23.45 14.04
C ASP B 273 -11.38 -24.89 13.97
N PRO B 274 -11.13 -25.69 15.01
CA PRO B 274 -11.57 -27.09 14.97
C PRO B 274 -13.08 -27.21 14.95
N ASN B 275 -13.55 -28.38 14.52
CA ASN B 275 -14.94 -28.77 14.69
C ASN B 275 -15.45 -28.41 16.08
N PHE B 276 -16.71 -27.94 16.12
CA PHE B 276 -17.34 -27.55 17.38
C PHE B 276 -17.31 -28.68 18.40
N ASP B 277 -17.33 -29.93 17.95
CA ASP B 277 -17.43 -31.07 18.89
C ASP B 277 -16.09 -31.77 19.04
N ALA B 278 -15.01 -31.13 18.62
CA ALA B 278 -13.70 -31.79 18.63
C ALA B 278 -12.96 -31.55 19.94
N GLU B 279 -12.44 -32.61 20.54
CA GLU B 279 -11.62 -32.46 21.76
C GLU B 279 -10.17 -32.46 21.28
N VAL B 280 -9.56 -31.29 21.20
CA VAL B 280 -8.18 -31.21 20.62
C VAL B 280 -7.20 -31.85 21.61
N GLN B 281 -6.57 -32.94 21.21
CA GLN B 281 -5.68 -33.69 22.13
C GLN B 281 -4.24 -33.41 21.76
N PRO B 282 -3.28 -33.46 22.69
CA PRO B 282 -1.89 -33.30 22.32
C PRO B 282 -1.40 -34.53 21.55
N LEU B 283 -0.46 -34.31 20.64
CA LEU B 283 0.19 -35.45 19.95
C LEU B 283 0.87 -36.25 21.05
N PRO B 284 0.70 -37.59 21.10
CA PRO B 284 1.29 -38.38 22.17
C PRO B 284 2.80 -38.11 22.29
N ALA B 285 3.46 -37.84 21.17
CA ALA B 285 4.89 -37.57 21.18
C ALA B 285 5.28 -36.20 21.75
N LEU B 286 4.33 -35.27 21.82
CA LEU B 286 4.66 -33.89 22.23
C LEU B 286 3.94 -33.57 23.52
N ASP B 287 3.24 -34.57 24.07
CA ASP B 287 2.42 -34.43 25.30
C ASP B 287 3.30 -34.41 26.56
N ARG B 288 3.98 -33.29 26.84
CA ARG B 288 4.70 -33.14 28.12
C ARG B 288 4.53 -31.69 28.60
N ALA B 289 3.54 -30.95 28.06
CA ALA B 289 3.26 -29.58 28.57
C ALA B 289 2.19 -29.64 29.67
N GLU B 308 -17.16 -31.17 28.92
CA GLU B 308 -17.04 -31.52 27.48
C GLU B 308 -15.56 -31.54 27.10
N GLY B 309 -14.84 -30.46 27.40
CA GLY B 309 -13.44 -30.36 26.98
C GLY B 309 -13.37 -30.16 25.49
N THR B 310 -14.50 -29.83 24.88
CA THR B 310 -14.55 -29.70 23.42
C THR B 310 -14.23 -28.26 23.02
N TYR B 311 -13.86 -28.09 21.75
CA TYR B 311 -13.58 -26.74 21.30
C TYR B 311 -14.81 -25.85 21.40
N GLY B 312 -16.00 -26.39 21.12
CA GLY B 312 -17.22 -25.62 21.28
C GLY B 312 -17.44 -25.15 22.69
N ASP B 313 -17.25 -26.05 23.67
CA ASP B 313 -17.29 -25.63 25.08
C ASP B 313 -16.32 -24.48 25.32
N TYR B 314 -15.07 -24.61 24.85
CA TYR B 314 -14.01 -23.58 25.05
C TYR B 314 -14.42 -22.28 24.38
N LEU B 315 -14.79 -22.37 23.11
CA LEU B 315 -15.21 -21.18 22.38
C LEU B 315 -16.36 -20.48 23.07
N LEU B 316 -17.35 -21.24 23.55
CA LEU B 316 -18.53 -20.65 24.18
C LEU B 316 -18.18 -19.87 25.42
N SER B 317 -17.30 -20.42 26.26
CA SER B 317 -16.90 -19.71 27.47
C SER B 317 -16.30 -18.35 27.12
N LYS B 318 -15.45 -18.30 26.09
CA LYS B 318 -14.84 -17.04 25.70
C LYS B 318 -15.87 -16.08 25.12
N VAL B 319 -16.85 -16.61 24.38
CA VAL B 319 -17.87 -15.77 23.75
C VAL B 319 -18.85 -15.20 24.75
N SER B 320 -19.12 -15.93 25.84
CA SER B 320 -20.03 -15.44 26.87
C SER B 320 -19.44 -14.27 27.64
N LYS B 321 -18.11 -14.15 27.68
CA LYS B 321 -17.48 -13.05 28.41
C LYS B 321 -17.43 -11.78 27.57
N VAL B 322 -17.27 -11.91 26.25
CA VAL B 322 -17.14 -10.73 25.40
C VAL B 322 -18.51 -10.10 25.15
N PHE B 323 -19.55 -10.94 25.12
CA PHE B 323 -20.92 -10.45 24.89
C PHE B 323 -21.84 -10.97 26.00
N PRO B 324 -21.87 -10.35 27.19
CA PRO B 324 -22.80 -10.76 28.25
C PRO B 324 -24.27 -10.83 27.83
N GLU B 325 -24.70 -9.93 26.94
CA GLU B 325 -26.09 -9.92 26.46
C GLU B 325 -26.45 -11.21 25.74
N LEU B 326 -25.49 -11.82 25.06
CA LEU B 326 -25.82 -13.03 24.25
C LEU B 326 -26.08 -14.23 25.15
N ARG B 327 -27.19 -14.94 24.90
CA ARG B 327 -27.56 -16.17 25.68
C ARG B 327 -28.67 -16.93 24.93
#